data_2EUV
#
_entry.id   2EUV
#
_cell.length_a   69.226
_cell.length_b   79.248
_cell.length_c   160.881
_cell.angle_alpha   90.00
_cell.angle_beta   90.00
_cell.angle_gamma   90.00
#
_symmetry.space_group_name_H-M   'C 2 2 21'
#
loop_
_entity.id
_entity.type
_entity.pdbx_description
1 polymer "5'-D(*TP*GP*CP*AP*AP*CP*AP*CP*AP*AP*AP*TP*AP*C)-3'"
2 polymer "5'-D(*AP*GP*TP*AP*TP*TP*TP*GP*TP*GP*TP*TP*GP*C)-3'"
3 polymer 'NDT80 protein'
4 water water
#
loop_
_entity_poly.entity_id
_entity_poly.type
_entity_poly.pdbx_seq_one_letter_code
_entity_poly.pdbx_strand_id
1 'polydeoxyribonucleotide' (DT)(DG)(DC)(DA)(DA)(DC)(DA)(DC)(DA)(DA)(DA)(DT)(DA)(DC) B
2 'polydeoxyribonucleotide' (DA)(DG)(DT)(DA)(DT)(DT)(DT)(DG)(DT)(DG)(DT)(DT)(DG)(DC) C
3 'polypeptide(L)'
;GPLGSMNEMENTDPVLQDDLVSKYERELSTEQEEDTPVILTQLNEDGTTSNYFDKRKLKIAPRSTLQFKVGPPFELVRDY
CPVVESHTGRTLDLRIIPRIDRGFDHIDEEWVGYKRNYFTLVSTFETANCDLDTFLKSSFDLLVEDSSVEGRLRVQYFAI
KIKAKNDDDDTEINLVQHTAKRDKGPQFCPSVCPLVPSPLPKHQTIREASNVRNITKMKKYDSTFYLHRDHVNYEEYGVD
SLLFSYPEDSIQKVARYERVQFASSISVKKPSQQNKHFSLHVILGAVVDPDTFHGENPGIPYDELALKNGSKGMFVYLQE
MKTPPLIIRGRSPSNYASSQRITVR
;
A
#
# COMPACT_ATOMS: atom_id res chain seq x y z
N VAL C 38 22.76 7.58 19.37
CA VAL C 38 22.71 6.42 18.42
C VAL C 38 21.28 6.08 18.00
N ILE C 39 20.32 6.27 18.91
CA ILE C 39 18.90 6.03 18.63
C ILE C 39 18.12 7.32 18.84
N LEU C 40 17.43 7.77 17.81
CA LEU C 40 16.59 8.97 17.87
C LEU C 40 15.12 8.54 17.93
N THR C 41 14.38 9.07 18.89
CA THR C 41 13.03 8.58 19.15
C THR C 41 12.01 9.66 18.88
N GLN C 42 10.97 9.28 18.14
CA GLN C 42 9.79 10.12 17.90
C GLN C 42 8.55 9.38 18.35
N LEU C 43 7.61 10.10 18.95
CA LEU C 43 6.34 9.55 19.39
C LEU C 43 5.36 9.45 18.22
N ASN C 44 4.87 8.26 17.90
CA ASN C 44 3.87 8.06 16.86
C ASN C 44 2.51 8.59 17.33
N GLU C 45 1.54 8.66 16.42
CA GLU C 45 0.23 9.23 16.74
C GLU C 45 -0.54 8.35 17.74
N ASP C 46 -0.34 7.03 17.69
CA ASP C 46 -0.96 6.12 18.65
C ASP C 46 -0.17 5.93 19.97
N GLY C 47 0.83 6.75 20.21
CA GLY C 47 1.61 6.61 21.44
C GLY C 47 2.76 5.60 21.42
N THR C 48 2.82 4.76 20.37
CA THR C 48 4.01 3.93 20.16
C THR C 48 5.15 4.84 19.80
N THR C 49 6.35 4.29 19.70
CA THR C 49 7.48 5.08 19.28
C THR C 49 8.08 4.52 18.02
N SER C 50 8.69 5.44 17.29
CA SER C 50 9.53 5.12 16.17
C SER C 50 10.96 5.40 16.61
N ASN C 51 11.85 4.43 16.39
CA ASN C 51 13.22 4.55 16.85
C ASN C 51 14.15 4.40 15.67
N TYR C 52 14.75 5.51 15.29
CA TYR C 52 15.55 5.59 14.09
C TYR C 52 17.02 5.38 14.44
N PHE C 53 17.61 4.34 13.87
CA PHE C 53 19.03 4.08 14.04
C PHE C 53 19.68 3.72 12.72
N ASP C 54 21.00 3.86 12.69
CA ASP C 54 21.79 3.71 11.49
C ASP C 54 22.37 2.31 11.59
N LYS C 55 21.99 1.43 10.67
CA LYS C 55 22.44 0.03 10.70
C LYS C 55 23.94 -0.11 10.41
N ARG C 56 24.55 0.97 9.91
CA ARG C 56 26.01 1.05 9.76
C ARG C 56 26.72 1.20 11.07
N LYS C 57 26.03 1.72 12.08
CA LYS C 57 26.60 2.02 13.39
C LYS C 57 26.02 1.19 14.53
N LEU C 58 24.93 0.46 14.29
CA LEU C 58 24.26 -0.27 15.36
C LEU C 58 23.45 -1.43 14.80
N LYS C 59 23.83 -2.66 15.19
CA LYS C 59 23.01 -3.83 14.89
C LYS C 59 21.99 -4.17 16.01
N ILE C 60 20.73 -4.24 15.61
CA ILE C 60 19.62 -4.60 16.49
C ILE C 60 19.11 -5.97 16.02
N ALA C 61 18.51 -6.75 16.92
CA ALA C 61 18.02 -8.09 16.57
C ALA C 61 16.91 -8.04 15.50
N PRO C 62 16.84 -9.06 14.66
CA PRO C 62 15.82 -9.09 13.59
C PRO C 62 14.38 -8.89 14.07
N ARG C 63 14.01 -9.48 15.19
CA ARG C 63 12.62 -9.42 15.65
C ARG C 63 12.37 -8.38 16.76
N SER C 64 13.33 -7.50 17.03
CA SER C 64 13.15 -6.42 17.98
C SER C 64 12.03 -5.46 17.53
N THR C 65 11.25 -4.96 18.47
CA THR C 65 10.24 -3.97 18.15
C THR C 65 10.86 -2.70 17.59
N LEU C 66 12.14 -2.46 17.86
CA LEU C 66 12.84 -1.31 17.30
C LEU C 66 12.94 -1.35 15.75
N GLN C 67 12.75 -2.53 15.16
CA GLN C 67 12.72 -2.65 13.70
C GLN C 67 11.40 -2.11 13.14
N PHE C 68 10.34 -2.07 13.94
CA PHE C 68 9.10 -1.46 13.52
C PHE C 68 9.21 0.03 13.71
N LYS C 69 8.87 0.81 12.69
CA LYS C 69 8.85 2.25 12.84
C LYS C 69 8.13 2.89 11.67
N VAL C 70 7.65 4.09 11.89
CA VAL C 70 6.89 4.78 10.86
C VAL C 70 7.90 5.39 9.91
N GLY C 71 7.65 5.24 8.62
CA GLY C 71 8.59 5.62 7.57
C GLY C 71 8.23 7.01 7.10
N PRO C 72 8.68 7.42 5.93
CA PRO C 72 8.38 8.78 5.45
C PRO C 72 6.88 9.04 5.16
N PRO C 73 6.46 10.29 5.31
CA PRO C 73 5.05 10.61 5.10
C PRO C 73 4.83 10.69 3.60
N PHE C 74 3.63 10.42 3.14
CA PHE C 74 3.39 10.48 1.71
C PHE C 74 2.78 11.83 1.36
N GLU C 75 2.96 12.26 0.12
CA GLU C 75 2.36 13.48 -0.39
C GLU C 75 1.59 13.22 -1.70
N LEU C 76 0.60 14.06 -1.98
CA LEU C 76 -0.18 14.00 -3.21
C LEU C 76 0.72 14.27 -4.42
N VAL C 77 0.60 13.40 -5.41
CA VAL C 77 1.17 13.63 -6.73
C VAL C 77 0.11 14.29 -7.59
N ARG C 78 -1.02 13.61 -7.79
CA ARG C 78 -2.19 14.26 -8.38
C ARG C 78 -3.48 13.46 -8.26
N ASP C 79 -4.56 14.16 -8.56
CA ASP C 79 -5.86 13.57 -8.75
C ASP C 79 -6.04 13.38 -10.25
N TYR C 80 -6.72 12.31 -10.63
CA TYR C 80 -6.91 11.98 -12.03
C TYR C 80 -8.41 11.98 -12.35
N CYS C 81 -8.99 10.82 -12.61
CA CYS C 81 -10.35 10.77 -13.12
C CYS C 81 -11.38 10.98 -12.02
N PRO C 82 -12.28 11.95 -12.17
CA PRO C 82 -13.38 12.11 -11.21
C PRO C 82 -14.40 10.95 -11.23
N VAL C 83 -15.02 10.72 -10.09
CA VAL C 83 -15.97 9.64 -9.90
C VAL C 83 -17.24 10.27 -9.32
N VAL C 84 -18.38 9.88 -9.86
CA VAL C 84 -19.67 10.38 -9.43
C VAL C 84 -20.67 9.27 -9.13
N GLU C 85 -21.52 9.51 -8.13
CA GLU C 85 -22.58 8.59 -7.83
C GLU C 85 -23.62 8.63 -8.94
N SER C 86 -24.10 7.46 -9.34
CA SER C 86 -24.79 7.28 -10.62
C SER C 86 -26.15 7.94 -10.79
N HIS C 87 -26.88 8.21 -9.70
CA HIS C 87 -28.14 8.96 -9.83
C HIS C 87 -28.10 10.41 -9.30
N THR C 88 -27.47 10.61 -8.15
CA THR C 88 -27.37 11.95 -7.56
C THR C 88 -26.40 12.82 -8.36
N GLY C 89 -25.43 12.18 -9.01
CA GLY C 89 -24.45 12.87 -9.82
C GLY C 89 -23.31 13.49 -9.04
N ARG C 90 -23.33 13.33 -7.71
CA ARG C 90 -22.36 14.00 -6.85
C ARG C 90 -20.98 13.32 -6.91
N THR C 91 -19.94 14.14 -6.87
CA THR C 91 -18.60 13.64 -7.04
C THR C 91 -18.12 13.02 -5.73
N LEU C 92 -17.52 11.85 -5.85
CA LEU C 92 -16.96 11.17 -4.71
C LEU C 92 -15.63 11.83 -4.37
N ASP C 93 -15.50 12.33 -3.14
CA ASP C 93 -14.27 12.95 -2.68
C ASP C 93 -13.38 11.89 -2.07
N LEU C 94 -12.23 11.61 -2.68
CA LEU C 94 -11.39 10.48 -2.26
C LEU C 94 -10.07 10.96 -1.70
N ARG C 95 -9.50 10.14 -0.81
CA ARG C 95 -8.19 10.40 -0.23
C ARG C 95 -7.52 9.08 0.14
N ILE C 96 -6.35 8.83 -0.44
CA ILE C 96 -5.53 7.73 -0.02
C ILE C 96 -4.97 8.04 1.36
N ILE C 97 -4.89 7.02 2.21
CA ILE C 97 -4.32 7.16 3.55
C ILE C 97 -3.25 6.09 3.75
N PRO C 98 -2.02 6.38 3.32
CA PRO C 98 -0.91 5.42 3.36
C PRO C 98 0.08 5.62 4.52
N ARG C 99 0.84 4.57 4.85
CA ARG C 99 1.91 4.61 5.87
C ARG C 99 2.88 3.46 5.67
N ILE C 100 4.14 3.72 5.97
CA ILE C 100 5.20 2.71 6.02
C ILE C 100 5.45 2.43 7.48
N ASP C 101 5.45 1.15 7.85
CA ASP C 101 5.54 0.72 9.25
C ASP C 101 6.78 -0.11 9.56
N ARG C 102 7.66 -0.26 8.56
CA ARG C 102 8.88 -1.04 8.70
C ARG C 102 9.80 -0.75 7.51
N GLY C 103 11.12 -0.74 7.77
CA GLY C 103 12.15 -0.72 6.74
C GLY C 103 12.85 0.60 6.37
N PHE C 104 12.33 1.71 6.90
CA PHE C 104 12.90 3.04 6.64
C PHE C 104 13.21 3.83 7.91
N ASP C 105 14.45 4.30 8.00
CA ASP C 105 14.87 5.16 9.09
C ASP C 105 15.20 6.56 8.61
N HIS C 106 14.90 7.52 9.46
CA HIS C 106 15.25 8.90 9.23
C HIS C 106 16.60 9.14 9.88
N ILE C 107 17.64 9.17 9.04
CA ILE C 107 19.04 9.36 9.41
C ILE C 107 19.62 10.57 8.65
N ASP C 108 20.42 11.39 9.31
CA ASP C 108 21.05 12.57 8.68
C ASP C 108 20.18 13.27 7.62
N GLU C 109 18.93 13.52 7.98
CA GLU C 109 17.94 14.21 7.12
C GLU C 109 17.56 13.48 5.82
N GLU C 110 17.83 12.18 5.77
CA GLU C 110 17.37 11.35 4.67
C GLU C 110 16.54 10.20 5.21
N TRP C 111 15.67 9.69 4.37
CA TRP C 111 14.94 8.49 4.67
C TRP C 111 15.70 7.36 4.03
N VAL C 112 16.06 6.37 4.83
CA VAL C 112 17.00 5.33 4.41
C VAL C 112 16.46 3.92 4.61
N GLY C 113 16.54 3.12 3.57
CA GLY C 113 16.18 1.72 3.65
C GLY C 113 17.34 0.84 3.24
N TYR C 114 17.18 -0.45 3.41
CA TYR C 114 18.20 -1.46 3.13
C TYR C 114 17.62 -2.45 2.14
N LYS C 115 18.37 -2.69 1.07
CA LYS C 115 17.97 -3.54 0.00
C LYS C 115 17.65 -4.93 0.50
N ARG C 116 18.47 -5.45 1.41
CA ARG C 116 18.34 -6.82 1.87
C ARG C 116 17.19 -7.02 2.86
N ASN C 117 16.56 -5.94 3.31
CA ASN C 117 15.59 -6.07 4.40
C ASN C 117 14.16 -5.78 3.98
N TYR C 118 13.21 -6.19 4.82
CA TYR C 118 11.80 -6.02 4.56
C TYR C 118 11.37 -4.57 4.89
N PHE C 119 10.48 -4.04 4.06
CA PHE C 119 9.63 -2.91 4.45
C PHE C 119 8.19 -3.31 4.38
N THR C 120 7.38 -2.51 5.05
CA THR C 120 5.95 -2.74 5.13
C THR C 120 5.27 -1.43 4.71
N LEU C 121 4.37 -1.51 3.74
CA LEU C 121 3.58 -0.34 3.32
C LEU C 121 2.12 -0.73 3.40
N VAL C 122 1.34 0.07 4.12
CA VAL C 122 -0.11 -0.16 4.26
C VAL C 122 -0.89 1.06 3.76
N SER C 123 -2.09 0.83 3.24
CA SER C 123 -2.92 1.94 2.87
C SER C 123 -4.41 1.62 2.89
N THR C 124 -5.19 2.62 3.18
CA THR C 124 -6.61 2.55 2.97
C THR C 124 -6.94 3.71 2.05
N PHE C 125 -8.22 3.90 1.79
CA PHE C 125 -8.69 5.15 1.26
C PHE C 125 -9.99 5.51 1.97
N GLU C 126 -10.31 6.79 1.97
CA GLU C 126 -11.57 7.21 2.52
C GLU C 126 -12.34 8.04 1.52
N THR C 127 -13.65 8.15 1.79
CA THR C 127 -14.60 8.90 1.01
C THR C 127 -15.25 9.86 1.98
N ALA C 128 -14.73 11.08 2.04
CA ALA C 128 -15.14 12.08 3.03
C ALA C 128 -16.65 12.32 3.07
N ASN C 129 -17.29 12.27 1.92
CA ASN C 129 -18.71 12.62 1.82
C ASN C 129 -19.69 11.43 1.79
N CYS C 130 -19.19 10.22 2.04
CA CYS C 130 -19.97 9.01 1.92
C CYS C 130 -19.61 7.98 3.01
N ASP C 131 -20.57 7.63 3.86
CA ASP C 131 -20.35 6.59 4.85
C ASP C 131 -20.33 5.23 4.15
N LEU C 132 -19.63 4.26 4.74
CA LEU C 132 -19.36 2.96 4.11
C LEU C 132 -20.61 2.23 3.68
N ASP C 133 -21.59 2.21 4.55
CA ASP C 133 -22.75 1.39 4.33
C ASP C 133 -23.59 1.91 3.14
N THR C 134 -23.66 3.23 2.98
CA THR C 134 -24.33 3.84 1.82
C THR C 134 -23.55 3.63 0.52
N PHE C 135 -22.24 3.84 0.61
CA PHE C 135 -21.28 3.64 -0.48
C PHE C 135 -21.38 2.22 -1.12
N LEU C 136 -21.50 1.19 -0.30
CA LEU C 136 -21.50 -0.17 -0.84
C LEU C 136 -22.81 -0.52 -1.53
N LYS C 137 -23.87 0.23 -1.18
CA LYS C 137 -25.18 0.03 -1.77
C LYS C 137 -25.41 0.83 -3.05
N SER C 138 -24.52 1.78 -3.34
CA SER C 138 -24.73 2.67 -4.46
C SER C 138 -23.93 2.18 -5.65
N SER C 139 -23.93 2.99 -6.69
CA SER C 139 -23.13 2.65 -7.84
C SER C 139 -22.46 3.91 -8.38
N PHE C 140 -21.29 3.75 -8.99
CA PHE C 140 -20.49 4.91 -9.32
C PHE C 140 -19.99 4.81 -10.74
N ASP C 141 -19.92 5.96 -11.42
CA ASP C 141 -19.33 6.04 -12.75
C ASP C 141 -18.08 6.92 -12.77
N LEU C 142 -17.23 6.69 -13.75
CA LEU C 142 -16.17 7.63 -14.06
C LEU C 142 -16.71 8.75 -14.93
N LEU C 143 -16.37 9.99 -14.60
CA LEU C 143 -16.72 11.16 -15.40
C LEU C 143 -15.54 11.45 -16.32
N VAL C 144 -15.50 10.83 -17.49
CA VAL C 144 -14.37 11.06 -18.41
C VAL C 144 -14.51 12.40 -19.14
N GLY C 151 -20.42 9.30 -21.92
CA GLY C 151 -19.16 9.72 -21.32
C GLY C 151 -19.00 9.21 -19.87
N ARG C 152 -19.41 7.94 -19.64
CA ARG C 152 -19.50 7.36 -18.30
C ARG C 152 -19.29 5.84 -18.27
N LEU C 153 -18.17 5.43 -17.68
CA LEU C 153 -17.88 4.01 -17.46
C LEU C 153 -18.29 3.64 -16.04
N ARG C 154 -18.95 2.51 -15.88
CA ARG C 154 -19.33 2.00 -14.56
C ARG C 154 -18.09 1.52 -13.78
N VAL C 155 -17.92 1.97 -12.55
CA VAL C 155 -16.91 1.39 -11.67
C VAL C 155 -17.34 0.00 -11.15
N GLN C 156 -16.51 -1.01 -11.42
CA GLN C 156 -16.76 -2.37 -10.89
C GLN C 156 -16.32 -2.44 -9.42
N TYR C 157 -15.11 -1.94 -9.17
CA TYR C 157 -14.59 -1.85 -7.82
C TYR C 157 -13.40 -0.90 -7.69
N PHE C 158 -13.06 -0.55 -6.46
CA PHE C 158 -11.93 0.31 -6.21
C PHE C 158 -10.77 -0.55 -5.76
N ALA C 159 -9.56 -0.07 -5.99
CA ALA C 159 -8.38 -0.87 -5.69
C ALA C 159 -7.12 -0.05 -5.63
N ILE C 160 -6.13 -0.60 -4.93
CA ILE C 160 -4.87 0.11 -4.74
C ILE C 160 -3.76 -0.69 -5.35
N LYS C 161 -2.78 0.00 -5.87
CA LYS C 161 -1.53 -0.66 -6.25
C LYS C 161 -0.39 0.22 -5.79
N ILE C 162 0.76 -0.42 -5.57
CA ILE C 162 1.98 0.28 -5.23
C ILE C 162 3.04 0.11 -6.32
N LYS C 163 3.91 1.08 -6.43
CA LYS C 163 5.05 1.03 -7.37
C LYS C 163 6.25 1.66 -6.69
N ALA C 164 7.46 1.26 -7.11
CA ALA C 164 8.66 1.95 -6.74
C ALA C 164 9.18 2.61 -8.03
N LYS C 165 9.68 3.81 -7.90
CA LYS C 165 10.27 4.54 -9.01
C LYS C 165 11.63 5.13 -8.65
N ASN C 166 12.47 5.33 -9.67
CA ASN C 166 13.60 6.22 -9.56
C ASN C 166 13.05 7.63 -9.54
N ASP C 167 13.22 8.32 -8.43
CA ASP C 167 12.56 9.62 -8.24
C ASP C 167 13.10 10.71 -9.16
N ASP C 168 14.33 10.56 -9.65
CA ASP C 168 14.93 11.56 -10.53
C ASP C 168 14.49 11.45 -11.99
N ASP C 169 14.13 10.26 -12.47
CA ASP C 169 13.70 10.14 -13.86
C ASP C 169 12.40 9.42 -14.09
N ASP C 170 11.69 9.08 -13.02
CA ASP C 170 10.41 8.39 -13.15
C ASP C 170 10.47 6.94 -13.66
N THR C 171 11.66 6.35 -13.78
CA THR C 171 11.76 4.98 -14.22
C THR C 171 11.22 4.02 -13.17
N GLU C 172 10.48 3.01 -13.60
CA GLU C 172 9.92 2.04 -12.65
C GLU C 172 10.97 1.06 -12.17
N ILE C 173 10.88 0.74 -10.89
CA ILE C 173 11.78 -0.15 -10.19
C ILE C 173 10.98 -1.34 -9.67
N ASN C 174 11.50 -2.52 -9.92
CA ASN C 174 10.83 -3.76 -9.54
C ASN C 174 10.83 -3.95 -8.04
N LEU C 175 9.67 -4.29 -7.49
CA LEU C 175 9.52 -4.68 -6.10
C LEU C 175 9.22 -6.18 -6.01
N VAL C 176 9.70 -6.82 -4.94
CA VAL C 176 9.40 -8.23 -4.69
C VAL C 176 8.88 -8.45 -3.26
N GLN C 177 7.99 -9.41 -3.10
CA GLN C 177 7.47 -9.78 -1.80
C GLN C 177 7.73 -11.26 -1.56
N HIS C 178 7.94 -11.59 -0.28
CA HIS C 178 7.99 -12.97 0.19
C HIS C 178 6.84 -13.23 1.19
N THR C 179 6.62 -14.50 1.49
CA THR C 179 5.82 -14.91 2.64
C THR C 179 6.77 -14.98 3.82
N ALA C 180 6.21 -15.23 5.00
CA ALA C 180 7.03 -15.41 6.19
C ALA C 180 8.10 -16.49 6.01
N LYS C 181 7.83 -17.49 5.17
CA LYS C 181 8.79 -18.57 4.91
C LYS C 181 10.00 -18.14 4.09
N ARG C 182 9.92 -16.93 3.53
CA ARG C 182 11.02 -16.33 2.76
C ARG C 182 11.53 -17.26 1.61
N ASP C 183 12.76 -17.78 1.68
CA ASP C 183 13.31 -18.60 0.60
C ASP C 183 12.65 -19.98 0.49
N LYS C 184 12.08 -20.48 1.59
CA LYS C 184 11.36 -21.75 1.60
C LYS C 184 9.92 -21.62 1.08
N GLY C 185 9.55 -20.40 0.67
CA GLY C 185 8.23 -20.15 0.11
C GLY C 185 8.37 -19.36 -1.18
N PRO C 186 7.25 -19.06 -1.84
CA PRO C 186 7.29 -18.34 -3.12
C PRO C 186 7.62 -16.85 -2.97
N GLN C 187 8.20 -16.27 -4.03
CA GLN C 187 8.32 -14.83 -4.19
C GLN C 187 7.26 -14.38 -5.16
N PHE C 188 6.72 -13.18 -4.95
CA PHE C 188 5.71 -12.62 -5.83
C PHE C 188 5.86 -11.10 -5.91
N CYS C 189 5.26 -10.51 -6.93
CA CYS C 189 5.38 -9.06 -7.10
C CYS C 189 4.13 -8.51 -6.47
N PRO C 190 4.17 -7.30 -5.90
CA PRO C 190 2.96 -6.76 -5.30
C PRO C 190 1.78 -6.74 -6.28
N SER C 191 0.60 -7.07 -5.78
CA SER C 191 -0.55 -7.14 -6.66
C SER C 191 -1.55 -6.04 -6.39
N VAL C 192 -2.44 -5.87 -7.34
CA VAL C 192 -3.54 -4.95 -7.20
C VAL C 192 -4.47 -5.51 -6.11
N CYS C 193 -4.87 -4.66 -5.19
CA CYS C 193 -5.64 -5.08 -4.05
C CYS C 193 -7.01 -4.37 -4.04
N PRO C 194 -8.08 -5.09 -4.34
CA PRO C 194 -9.43 -4.51 -4.17
C PRO C 194 -9.65 -4.08 -2.73
N LEU C 195 -10.23 -2.89 -2.56
CA LEU C 195 -10.39 -2.31 -1.25
C LEU C 195 -11.74 -1.58 -1.14
N VAL C 196 -12.35 -1.68 0.05
CA VAL C 196 -13.41 -0.74 0.42
C VAL C 196 -12.86 0.32 1.38
N PRO C 197 -13.48 1.49 1.45
CA PRO C 197 -12.98 2.56 2.32
C PRO C 197 -13.01 2.23 3.81
N SER C 198 -11.99 2.68 4.53
CA SER C 198 -11.79 2.36 5.92
C SER C 198 -10.71 3.27 6.55
N PRO C 199 -10.83 3.57 7.84
CA PRO C 199 -9.73 4.18 8.57
C PRO C 199 -8.46 3.33 8.45
N LEU C 200 -7.32 3.98 8.47
CA LEU C 200 -6.06 3.23 8.51
C LEU C 200 -5.81 2.79 9.96
N PRO C 201 -5.59 1.50 10.19
CA PRO C 201 -5.24 1.03 11.53
C PRO C 201 -3.96 1.68 12.03
N LYS C 202 -3.91 1.86 13.34
CA LYS C 202 -2.75 2.43 14.01
C LYS C 202 -1.52 1.57 13.74
N HIS C 203 -0.36 2.18 13.88
CA HIS C 203 0.92 1.49 13.77
C HIS C 203 0.96 0.29 14.72
N GLN C 204 0.46 0.45 15.95
CA GLN C 204 0.49 -0.65 16.93
C GLN C 204 -0.26 -1.86 16.41
N THR C 205 -1.41 -1.62 15.77
CA THR C 205 -2.20 -2.71 15.24
C THR C 205 -1.50 -3.45 14.10
N ILE C 206 -0.87 -2.73 13.16
CA ILE C 206 -0.09 -3.35 12.07
C ILE C 206 1.00 -4.24 12.66
N ARG C 207 1.73 -3.70 13.61
CA ARG C 207 2.74 -4.43 14.37
C ARG C 207 2.28 -5.77 14.94
N GLU C 208 1.16 -5.74 15.67
CA GLU C 208 0.66 -6.90 16.39
C GLU C 208 0.15 -7.97 15.47
N ALA C 209 -0.42 -7.55 14.35
CA ALA C 209 -0.99 -8.48 13.37
C ALA C 209 0.06 -9.02 12.39
N SER C 210 1.30 -8.57 12.48
CA SER C 210 2.32 -8.89 11.46
C SER C 210 2.59 -10.39 11.29
N ASN C 211 2.52 -11.16 12.37
CA ASN C 211 2.86 -12.57 12.35
C ASN C 211 1.91 -13.41 13.22
N VAL C 212 0.63 -13.17 13.07
CA VAL C 212 -0.38 -13.93 13.80
C VAL C 212 -0.63 -15.30 13.15
N ARG C 213 -0.34 -16.37 13.88
CA ARG C 213 -0.64 -17.75 13.45
C ARG C 213 -1.95 -18.33 14.04
N ASN C 214 -2.11 -18.22 15.36
CA ASN C 214 -3.26 -18.74 16.10
C ASN C 214 -4.64 -18.31 15.56
N ILE C 215 -5.59 -19.23 15.60
CA ILE C 215 -6.90 -19.05 14.96
C ILE C 215 -7.79 -18.07 15.73
N THR C 216 -7.71 -18.10 17.06
CA THR C 216 -8.46 -17.15 17.88
C THR C 216 -7.98 -15.71 17.70
N LYS C 217 -6.66 -15.52 17.66
CA LYS C 217 -6.09 -14.19 17.44
C LYS C 217 -6.46 -13.64 16.05
N MET C 218 -6.60 -14.53 15.07
CA MET C 218 -7.01 -14.14 13.73
C MET C 218 -8.43 -13.58 13.70
N LYS C 219 -9.33 -14.20 14.45
CA LYS C 219 -10.71 -13.75 14.52
C LYS C 219 -10.78 -12.33 15.09
N LYS C 220 -9.90 -12.05 16.04
CA LYS C 220 -9.81 -10.75 16.69
C LYS C 220 -9.50 -9.61 15.70
N TYR C 221 -8.68 -9.92 14.69
CA TYR C 221 -8.25 -8.95 13.70
C TYR C 221 -9.05 -8.98 12.40
N ASP C 222 -9.95 -9.95 12.27
CA ASP C 222 -10.62 -10.16 10.99
C ASP C 222 -11.44 -8.94 10.58
N SER C 223 -12.15 -8.33 11.51
CA SER C 223 -13.06 -7.25 11.17
C SER C 223 -12.31 -5.99 10.78
N THR C 224 -11.08 -5.89 11.26
CA THR C 224 -10.23 -4.76 10.94
C THR C 224 -9.70 -4.84 9.51
N PHE C 225 -9.38 -6.05 9.06
CA PHE C 225 -8.73 -6.22 7.76
C PHE C 225 -9.64 -6.65 6.63
N TYR C 226 -10.82 -7.19 6.93
CA TYR C 226 -11.65 -7.76 5.87
C TYR C 226 -13.13 -7.44 5.98
N LEU C 227 -13.79 -7.39 4.84
CA LEU C 227 -15.26 -7.35 4.79
C LEU C 227 -15.62 -8.65 4.09
N HIS C 228 -16.39 -9.50 4.74
CA HIS C 228 -16.88 -10.73 4.13
C HIS C 228 -18.25 -10.55 3.50
N ARG C 229 -18.26 -10.41 2.18
CA ARG C 229 -19.48 -10.07 1.46
C ARG C 229 -20.54 -11.14 1.61
N ASP C 230 -20.09 -12.39 1.65
CA ASP C 230 -20.97 -13.51 1.88
C ASP C 230 -21.72 -13.47 3.21
N HIS C 231 -21.38 -12.55 4.10
CA HIS C 231 -21.99 -12.50 5.41
C HIS C 231 -22.98 -11.34 5.54
N VAL C 232 -23.17 -10.53 4.49
CA VAL C 232 -24.15 -9.46 4.57
C VAL C 232 -25.57 -10.00 4.28
N ASN C 233 -26.58 -9.21 4.60
CA ASN C 233 -27.92 -9.56 4.19
C ASN C 233 -28.09 -9.16 2.73
N TYR C 234 -28.09 -10.16 1.83
CA TYR C 234 -28.20 -9.94 0.39
C TYR C 234 -29.44 -9.15 -0.02
N GLU C 235 -30.53 -9.33 0.71
CA GLU C 235 -31.77 -8.64 0.43
C GLU C 235 -31.77 -7.14 0.64
N GLU C 236 -30.76 -6.61 1.34
CA GLU C 236 -30.56 -5.18 1.42
C GLU C 236 -29.89 -4.57 0.16
N TYR C 237 -29.42 -5.39 -0.78
CA TYR C 237 -28.62 -4.87 -1.88
C TYR C 237 -29.26 -5.10 -3.23
N GLY C 238 -29.08 -4.11 -4.10
CA GLY C 238 -29.45 -4.21 -5.48
C GLY C 238 -28.39 -4.94 -6.28
N VAL C 239 -28.86 -5.57 -7.34
CA VAL C 239 -27.99 -6.29 -8.26
C VAL C 239 -26.83 -5.42 -8.78
N ASP C 240 -27.10 -4.13 -8.97
CA ASP C 240 -26.12 -3.18 -9.49
C ASP C 240 -25.22 -2.56 -8.42
N SER C 241 -25.41 -2.93 -7.15
CA SER C 241 -24.66 -2.29 -6.08
C SER C 241 -23.16 -2.54 -6.21
N LEU C 242 -22.40 -1.57 -5.75
CA LEU C 242 -20.95 -1.59 -5.83
C LEU C 242 -20.41 -2.86 -5.14
N LEU C 243 -20.99 -3.21 -3.98
CA LEU C 243 -20.46 -4.29 -3.18
C LEU C 243 -20.48 -5.57 -4.00
N PHE C 244 -21.54 -5.79 -4.78
CA PHE C 244 -21.65 -7.03 -5.54
C PHE C 244 -20.98 -7.04 -6.90
N SER C 245 -20.22 -5.98 -7.20
CA SER C 245 -19.34 -6.02 -8.37
C SER C 245 -17.85 -6.15 -7.99
N TYR C 246 -17.53 -6.27 -6.71
CA TYR C 246 -16.16 -6.63 -6.29
C TYR C 246 -15.91 -8.09 -6.71
N PRO C 247 -14.67 -8.44 -7.06
CA PRO C 247 -14.40 -9.73 -7.68
C PRO C 247 -14.49 -10.96 -6.78
N GLU C 248 -14.27 -10.82 -5.47
CA GLU C 248 -14.30 -11.94 -4.52
C GLU C 248 -15.15 -11.59 -3.31
N ASP C 249 -15.57 -12.62 -2.58
CA ASP C 249 -16.36 -12.44 -1.36
C ASP C 249 -15.55 -11.77 -0.24
N SER C 250 -14.26 -12.12 -0.19
CA SER C 250 -13.38 -11.59 0.81
C SER C 250 -12.78 -10.30 0.26
N ILE C 251 -13.15 -9.18 0.88
CA ILE C 251 -12.72 -7.89 0.41
C ILE C 251 -11.88 -7.24 1.49
N GLN C 252 -10.70 -6.78 1.12
CA GLN C 252 -9.83 -6.17 2.11
C GLN C 252 -10.30 -4.72 2.41
N LYS C 253 -10.18 -4.33 3.66
CA LYS C 253 -10.43 -2.96 4.08
C LYS C 253 -9.10 -2.21 4.16
N VAL C 254 -8.01 -2.97 4.16
CA VAL C 254 -6.69 -2.41 4.31
C VAL C 254 -5.75 -3.17 3.37
N ALA C 255 -5.05 -2.42 2.54
CA ALA C 255 -4.04 -3.00 1.67
C ALA C 255 -2.75 -3.09 2.49
N ARG C 256 -2.27 -4.30 2.73
CA ARG C 256 -1.11 -4.53 3.58
C ARG C 256 -0.03 -5.23 2.76
N TYR C 257 1.00 -4.50 2.37
CA TYR C 257 2.11 -5.06 1.63
C TYR C 257 3.24 -5.19 2.62
N GLU C 258 3.46 -6.42 3.07
CA GLU C 258 4.45 -6.70 4.09
C GLU C 258 5.52 -7.58 3.45
N ARG C 259 6.70 -7.57 4.05
CA ARG C 259 7.83 -8.36 3.54
C ARG C 259 8.18 -7.98 2.09
N VAL C 260 8.12 -6.68 1.82
CA VAL C 260 8.45 -6.12 0.51
C VAL C 260 9.93 -5.74 0.47
N GLN C 261 10.53 -5.89 -0.71
CA GLN C 261 11.91 -5.52 -0.92
C GLN C 261 12.07 -4.94 -2.32
N PHE C 262 13.00 -4.03 -2.47
CA PHE C 262 13.47 -3.67 -3.81
C PHE C 262 14.13 -4.92 -4.40
N ALA C 263 13.92 -5.14 -5.70
CA ALA C 263 14.50 -6.31 -6.38
C ALA C 263 16.01 -6.36 -6.15
N SER C 264 16.55 -7.58 -6.11
CA SER C 264 17.90 -7.79 -5.65
C SER C 264 18.89 -7.25 -6.68
N SER C 265 18.41 -6.97 -7.88
CA SER C 265 19.25 -6.51 -8.96
C SER C 265 19.29 -4.99 -9.09
N ILE C 266 18.60 -4.25 -8.24
CA ILE C 266 18.61 -2.81 -8.46
C ILE C 266 19.94 -2.20 -8.05
N SER C 267 20.44 -1.36 -8.92
CA SER C 267 21.59 -0.54 -8.65
C SER C 267 21.13 0.59 -7.73
N VAL C 268 21.84 0.80 -6.63
CA VAL C 268 21.43 1.78 -5.62
C VAL C 268 22.26 3.05 -5.62
N LYS C 269 23.31 3.05 -6.45
CA LYS C 269 24.17 4.19 -6.64
C LYS C 269 24.24 4.57 -8.12
N LYS C 270 24.48 5.84 -8.39
CA LYS C 270 24.65 6.36 -9.72
C LYS C 270 26.10 6.07 -10.12
N PRO C 271 26.42 6.24 -11.40
CA PRO C 271 27.82 6.17 -11.83
C PRO C 271 28.75 7.13 -11.07
N SER C 272 28.24 8.27 -10.62
CA SER C 272 29.04 9.24 -9.87
C SER C 272 29.36 8.80 -8.42
N GLN C 273 28.89 7.62 -8.01
CA GLN C 273 28.86 7.12 -6.62
C GLN C 273 27.93 7.85 -5.63
N GLN C 274 27.28 8.90 -6.10
CA GLN C 274 26.13 9.46 -5.38
C GLN C 274 25.03 8.40 -5.29
N ASN C 275 24.27 8.41 -4.20
CA ASN C 275 23.13 7.52 -4.05
C ASN C 275 21.99 7.88 -5.00
N LYS C 276 21.38 6.86 -5.59
CA LYS C 276 20.14 7.07 -6.32
C LYS C 276 19.04 7.45 -5.33
N HIS C 277 18.07 8.20 -5.82
CA HIS C 277 16.88 8.56 -5.05
C HIS C 277 15.68 7.83 -5.59
N PHE C 278 15.05 7.03 -4.72
CA PHE C 278 13.89 6.25 -5.06
C PHE C 278 12.68 6.85 -4.35
N SER C 279 11.50 6.44 -4.76
CA SER C 279 10.23 6.85 -4.16
C SER C 279 9.21 5.73 -4.31
N LEU C 280 8.37 5.57 -3.29
CA LEU C 280 7.32 4.58 -3.26
C LEU C 280 6.01 5.32 -3.49
N HIS C 281 5.19 4.81 -4.39
CA HIS C 281 3.93 5.42 -4.82
C HIS C 281 2.75 4.51 -4.47
N VAL C 282 1.65 5.11 -4.05
CA VAL C 282 0.39 4.42 -3.84
C VAL C 282 -0.57 5.04 -4.83
N ILE C 283 -1.20 4.17 -5.61
CA ILE C 283 -2.18 4.57 -6.60
C ILE C 283 -3.57 3.96 -6.28
N LEU C 284 -4.54 4.84 -6.18
CA LEU C 284 -5.93 4.42 -6.05
C LEU C 284 -6.57 4.44 -7.43
N GLY C 285 -7.23 3.35 -7.78
CA GLY C 285 -7.88 3.20 -9.07
C GLY C 285 -9.30 2.68 -8.99
N ALA C 286 -10.02 2.85 -10.09
CA ALA C 286 -11.32 2.26 -10.31
C ALA C 286 -11.16 1.26 -11.42
N VAL C 287 -11.52 0.00 -11.16
CA VAL C 287 -11.50 -1.03 -12.19
C VAL C 287 -12.79 -0.99 -12.99
N VAL C 288 -12.66 -0.90 -14.31
CA VAL C 288 -13.78 -0.88 -15.22
C VAL C 288 -13.65 -1.91 -16.34
N ASP C 289 -14.78 -2.30 -16.91
CA ASP C 289 -14.83 -3.13 -18.12
C ASP C 289 -14.72 -2.22 -19.35
N PRO C 290 -13.72 -2.46 -20.19
CA PRO C 290 -13.46 -1.58 -21.35
C PRO C 290 -14.29 -1.86 -22.61
N ASP C 291 -15.49 -2.41 -22.48
CA ASP C 291 -16.34 -2.63 -23.64
C ASP C 291 -17.51 -1.63 -23.66
N GLY C 299 -8.57 8.22 -23.04
CA GLY C 299 -7.36 9.01 -23.21
C GLY C 299 -6.77 9.50 -21.89
N ILE C 300 -7.19 8.87 -20.79
CA ILE C 300 -6.74 9.22 -19.44
C ILE C 300 -5.88 8.08 -18.87
N PRO C 301 -5.07 8.35 -17.84
CA PRO C 301 -4.15 7.32 -17.34
C PRO C 301 -4.83 6.08 -16.74
N TYR C 302 -4.33 4.91 -17.13
CA TYR C 302 -4.85 3.62 -16.70
C TYR C 302 -3.78 2.52 -16.93
N ASP C 303 -3.85 1.44 -16.15
CA ASP C 303 -3.05 0.24 -16.43
C ASP C 303 -4.00 -0.89 -16.79
N GLU C 304 -3.54 -1.82 -17.62
CA GLU C 304 -4.37 -2.98 -17.94
C GLU C 304 -4.32 -3.93 -16.75
N LEU C 305 -5.41 -4.65 -16.53
CA LEU C 305 -5.50 -5.61 -15.44
C LEU C 305 -6.22 -6.87 -15.90
N ALA C 306 -5.73 -8.03 -15.48
CA ALA C 306 -6.39 -9.30 -15.80
C ALA C 306 -7.60 -9.53 -14.88
N LEU C 307 -8.80 -9.29 -15.40
CA LEU C 307 -10.07 -9.48 -14.65
C LEU C 307 -10.29 -10.93 -14.23
N LYS C 308 -11.31 -11.14 -13.39
CA LYS C 308 -11.69 -12.48 -12.93
C LYS C 308 -12.18 -13.35 -14.09
N ASN C 309 -13.14 -12.85 -14.86
CA ASN C 309 -13.68 -13.60 -16.00
C ASN C 309 -12.62 -13.93 -17.08
N GLY C 310 -11.53 -13.15 -17.11
CA GLY C 310 -10.42 -13.42 -18.00
C GLY C 310 -10.22 -12.35 -19.06
N SER C 311 -11.25 -11.53 -19.29
CA SER C 311 -11.14 -10.40 -20.22
C SER C 311 -10.18 -9.30 -19.70
N LYS C 312 -9.65 -8.51 -20.63
CA LYS C 312 -8.78 -7.39 -20.27
C LYS C 312 -9.61 -6.23 -19.73
N GLY C 313 -9.27 -5.78 -18.52
CA GLY C 313 -9.90 -4.64 -17.88
C GLY C 313 -9.01 -3.40 -17.86
N MET C 314 -9.46 -2.38 -17.15
CA MET C 314 -8.65 -1.17 -16.95
C MET C 314 -8.72 -0.75 -15.50
N PHE C 315 -7.55 -0.69 -14.88
CA PHE C 315 -7.32 0.01 -13.64
C PHE C 315 -7.18 1.48 -14.01
N VAL C 316 -8.24 2.27 -13.82
CA VAL C 316 -8.22 3.70 -14.18
C VAL C 316 -7.79 4.54 -12.98
N TYR C 317 -6.73 5.33 -13.15
CA TYR C 317 -6.14 6.07 -12.05
C TYR C 317 -7.10 7.12 -11.53
N LEU C 318 -7.23 7.20 -10.21
CA LEU C 318 -8.04 8.22 -9.54
C LEU C 318 -7.21 9.20 -8.71
N GLN C 319 -6.24 8.68 -7.96
CA GLN C 319 -5.33 9.50 -7.16
C GLN C 319 -4.04 8.75 -6.96
N GLU C 320 -2.98 9.50 -6.79
CA GLU C 320 -1.66 8.94 -6.54
C GLU C 320 -0.93 9.76 -5.48
N MET C 321 -0.30 9.08 -4.53
CA MET C 321 0.63 9.67 -3.57
C MET C 321 1.99 9.00 -3.64
N LYS C 322 3.00 9.68 -3.12
CA LYS C 322 4.37 9.15 -3.11
C LYS C 322 5.18 9.63 -1.91
N THR C 323 6.24 8.89 -1.59
CA THR C 323 7.21 9.34 -0.60
C THR C 323 8.11 10.42 -1.13
N PRO C 324 8.75 11.18 -0.23
CA PRO C 324 9.95 11.96 -0.59
C PRO C 324 11.07 11.03 -1.05
N PRO C 325 12.17 11.57 -1.57
CA PRO C 325 13.29 10.71 -2.04
C PRO C 325 13.80 9.76 -0.96
N LEU C 326 14.10 8.52 -1.34
CA LEU C 326 14.59 7.51 -0.44
C LEU C 326 15.96 7.04 -0.92
N ILE C 327 16.83 6.74 0.04
CA ILE C 327 18.13 6.14 -0.24
C ILE C 327 17.98 4.69 0.11
N ILE C 328 18.53 3.81 -0.69
CA ILE C 328 18.54 2.40 -0.35
C ILE C 328 19.98 1.94 -0.26
N ARG C 329 20.33 1.29 0.85
CA ARG C 329 21.69 0.85 1.05
C ARG C 329 21.81 -0.59 0.54
N GLY C 330 22.83 -0.82 -0.27
CA GLY C 330 23.00 -2.13 -0.86
C GLY C 330 23.63 -3.13 0.09
N ARG C 331 24.00 -4.28 -0.44
CA ARG C 331 24.42 -5.41 0.38
C ARG C 331 25.85 -5.29 0.89
N SER C 332 26.62 -4.37 0.31
CA SER C 332 28.01 -4.16 0.71
C SER C 332 28.23 -4.17 2.23
N PRO C 333 29.21 -4.96 2.69
CA PRO C 333 29.65 -4.96 4.08
C PRO C 333 29.84 -3.59 4.75
N SER C 334 30.22 -2.57 3.98
CA SER C 334 30.42 -1.21 4.51
C SER C 334 29.12 -0.49 4.92
N ASN C 335 27.98 -1.00 4.48
CA ASN C 335 26.68 -0.50 4.94
C ASN C 335 26.27 -1.09 6.30
N TYR C 336 27.11 -1.95 6.85
CA TYR C 336 26.81 -2.69 8.06
C TYR C 336 27.84 -2.43 9.15
N ALA C 337 27.37 -2.45 10.40
CA ALA C 337 28.20 -2.17 11.56
C ALA C 337 29.33 -3.18 11.75
N SER C 338 29.17 -4.40 11.25
CA SER C 338 30.22 -5.43 11.37
C SER C 338 31.50 -5.02 10.64
N SER C 339 31.37 -4.21 9.58
CA SER C 339 32.54 -3.69 8.86
C SER C 339 33.51 -2.90 9.73
N GLN C 340 32.98 -2.24 10.76
CA GLN C 340 33.80 -1.47 11.71
C GLN C 340 34.53 -2.37 12.71
#